data_9QWE
#
_entry.id   9QWE
#
_cell.length_a   131.064
_cell.length_b   131.064
_cell.length_c   155.059
_cell.angle_alpha   90.000
_cell.angle_beta   90.000
_cell.angle_gamma   120.000
#
_symmetry.space_group_name_H-M   'P 65 2 2'
#
loop_
_entity.id
_entity.type
_entity.pdbx_description
1 polymer Furin
2 non-polymer ~{N}-[[1-[[3-[3,5-bis(chloranyl)phenyl]-5-[(4-pyridin-4-ylpiperazin-1-yl)methyl]phenyl]methyl]piperidin-4-yl]methyl]ethanamide
3 non-polymer 'CALCIUM ION'
4 non-polymer 'SODIUM ION'
5 non-polymer 'CHLORIDE ION'
6 non-polymer 'DIMETHYL SULFOXIDE'
7 non-polymer 2-acetamido-2-deoxy-beta-D-glucopyranose
8 water water
#
_entity_poly.entity_id   1
_entity_poly.type   'polypeptide(L)'
_entity_poly.pdbx_seq_one_letter_code
;DVYQEPTDPKFPQQWYLSGVTQRDLNVKAAWAQGYTGHGIVVSILDDGIEKNHPDLAGNYDPGASFDVNDQDPDPQPRYT
QMNDNRHGTRCAGEVAAVANNGVCGVGVAYNARIGGVRMLDGEVTDAVEARSLGLNPNHIHIYSASWGPEDDGKTVDGPA
RLAEEAFFRGVSQGRGGLGSIFVWASGNGGREHDSCNCDGYTNSIYTLSISSATQFGNVPWYSEACSSTLATTYSSGNQN
EKQIVTTDLRQKCTESHTGTSASAPLAAGIIALTLEANKNLTWRDMQHLVVQTSKPAHLNANDWATNGVGRKVSHSYGYG
LLDAGAMVALAQNWTTVAPQRKCIIDILTEPKDIGKRLEVRKTVTACLGEPNHITRLEHAQARLTLSYNRRGDLAIHLVS
PMGTRSTLLAARPHDYSADGFNDWAFMTTHSWDEDPSGEWVLEIENTSEANNYGTLTKFTLVLYGTASGSLVPRGSHHHH
HH
;
_entity_poly.pdbx_strand_id   A
#
loop_
_chem_comp.id
_chem_comp.type
_chem_comp.name
_chem_comp.formula
A1JA3 non-polymer ~{N}-[[1-[[3-[3,5-bis(chloranyl)phenyl]-5-[(4-pyridin-4-ylpiperazin-1-yl)methyl]phenyl]methyl]piperidin-4-yl]methyl]ethanamide 'C31 H37 Cl2 N5 O'
CA non-polymer 'CALCIUM ION' 'Ca 2'
CL non-polymer 'CHLORIDE ION' 'Cl -1'
DMS non-polymer 'DIMETHYL SULFOXIDE' 'C2 H6 O S'
NA non-polymer 'SODIUM ION' 'Na 1'
NAG D-saccharide, beta linking 2-acetamido-2-deoxy-beta-D-glucopyranose 'C8 H15 N O6'
#
# COMPACT_ATOMS: atom_id res chain seq x y z
N TYR A 3 21.58 -19.51 -13.84
CA TYR A 3 21.02 -19.22 -12.52
C TYR A 3 20.58 -20.49 -11.81
N GLN A 4 20.93 -20.61 -10.54
CA GLN A 4 20.54 -21.76 -9.72
C GLN A 4 19.54 -21.28 -8.66
N GLU A 5 18.36 -21.89 -8.65
CA GLU A 5 17.37 -21.47 -7.69
C GLU A 5 17.75 -21.94 -6.28
N PRO A 6 17.15 -21.34 -5.27
CA PRO A 6 17.54 -21.63 -3.89
C PRO A 6 17.34 -23.08 -3.53
N THR A 7 18.19 -23.55 -2.64
CA THR A 7 18.19 -24.92 -2.16
C THR A 7 17.53 -25.06 -0.79
N ASP A 8 17.06 -23.96 -0.21
CA ASP A 8 16.53 -23.99 1.15
C ASP A 8 15.40 -25.00 1.27
N PRO A 9 15.29 -25.66 2.42
CA PRO A 9 14.33 -26.79 2.53
C PRO A 9 12.90 -26.42 2.24
N LYS A 10 12.47 -25.20 2.57
CA LYS A 10 11.08 -24.83 2.37
C LYS A 10 10.86 -23.94 1.16
N PHE A 11 11.88 -23.74 0.33
CA PHE A 11 11.67 -22.95 -0.86
C PHE A 11 10.61 -23.57 -1.76
N PRO A 12 10.56 -24.89 -1.94
CA PRO A 12 9.47 -25.46 -2.75
C PRO A 12 8.09 -25.13 -2.22
N GLN A 13 7.96 -24.87 -0.93
N GLN A 13 7.96 -24.86 -0.93
CA GLN A 13 6.68 -24.51 -0.34
CA GLN A 13 6.68 -24.50 -0.34
C GLN A 13 6.35 -23.03 -0.51
C GLN A 13 6.36 -23.02 -0.48
N GLN A 14 7.30 -22.21 -0.97
CA GLN A 14 7.05 -20.79 -1.22
C GLN A 14 6.48 -20.63 -2.63
N TRP A 15 5.23 -21.08 -2.76
CA TRP A 15 4.55 -21.23 -4.04
C TRP A 15 4.42 -19.90 -4.78
N TYR A 16 4.40 -18.80 -4.04
CA TYR A 16 4.24 -17.46 -4.59
C TYR A 16 5.55 -16.92 -5.16
N LEU A 17 6.67 -17.61 -4.89
CA LEU A 17 7.95 -17.43 -5.56
C LEU A 17 8.33 -18.61 -6.47
N SER A 18 8.14 -19.85 -6.02
CA SER A 18 8.74 -20.99 -6.71
C SER A 18 7.81 -21.64 -7.72
N GLY A 19 6.58 -21.17 -7.86
CA GLY A 19 5.63 -21.85 -8.74
C GLY A 19 6.11 -21.90 -10.17
N VAL A 20 5.70 -22.95 -10.88
CA VAL A 20 5.91 -23.06 -12.32
C VAL A 20 4.58 -23.02 -13.07
N THR A 21 3.50 -22.59 -12.41
CA THR A 21 2.16 -22.61 -12.97
C THR A 21 1.64 -21.23 -13.34
N GLN A 22 2.49 -20.21 -13.32
CA GLN A 22 2.16 -18.81 -13.62
C GLN A 22 1.34 -18.15 -12.51
N ARG A 23 1.07 -18.83 -11.40
CA ARG A 23 0.45 -18.20 -10.24
C ARG A 23 1.52 -17.86 -9.21
N ASP A 24 2.37 -16.91 -9.58
CA ASP A 24 3.42 -16.44 -8.68
C ASP A 24 3.76 -15.00 -9.01
N LEU A 25 4.69 -14.46 -8.24
CA LEU A 25 5.07 -13.07 -8.35
C LEU A 25 6.21 -12.85 -9.33
N ASN A 26 6.59 -13.89 -10.07
CA ASN A 26 7.62 -13.80 -11.10
C ASN A 26 8.91 -13.26 -10.52
N VAL A 27 9.28 -13.77 -9.35
CA VAL A 27 10.50 -13.34 -8.67
C VAL A 27 11.73 -14.07 -9.22
N LYS A 28 11.60 -15.34 -9.60
CA LYS A 28 12.74 -16.06 -10.16
C LYS A 28 13.29 -15.31 -11.37
N ALA A 29 12.40 -14.72 -12.17
CA ALA A 29 12.83 -13.98 -13.35
C ALA A 29 13.75 -12.83 -12.96
N ALA A 30 13.46 -12.14 -11.87
CA ALA A 30 14.32 -11.04 -11.42
C ALA A 30 15.64 -11.57 -10.86
N TRP A 31 15.59 -12.60 -10.02
CA TRP A 31 16.82 -13.22 -9.57
C TRP A 31 17.72 -13.60 -10.74
N ALA A 32 17.15 -14.17 -11.81
CA ALA A 32 17.96 -14.60 -12.93
C ALA A 32 18.48 -13.43 -13.77
N GLN A 33 17.87 -12.24 -13.66
CA GLN A 33 18.46 -11.04 -14.23
C GLN A 33 19.59 -10.50 -13.36
N GLY A 34 19.85 -11.12 -12.21
CA GLY A 34 20.92 -10.73 -11.32
C GLY A 34 20.51 -9.87 -10.13
N TYR A 35 19.22 -9.69 -9.87
CA TYR A 35 18.73 -8.78 -8.85
C TYR A 35 18.22 -9.58 -7.66
N THR A 36 18.86 -9.39 -6.51
CA THR A 36 18.55 -10.11 -5.29
C THR A 36 18.41 -9.17 -4.09
N GLY A 37 18.54 -7.87 -4.31
CA GLY A 37 18.41 -6.88 -3.24
C GLY A 37 19.73 -6.42 -2.66
N HIS A 38 20.86 -6.85 -3.22
CA HIS A 38 22.16 -6.41 -2.72
C HIS A 38 22.20 -4.90 -2.65
N GLY A 39 22.63 -4.37 -1.50
CA GLY A 39 22.80 -2.94 -1.32
C GLY A 39 21.55 -2.21 -0.88
N ILE A 40 20.42 -2.88 -0.79
CA ILE A 40 19.16 -2.25 -0.41
C ILE A 40 18.86 -2.59 1.04
N VAL A 41 18.24 -1.62 1.73
CA VAL A 41 17.96 -1.71 3.16
C VAL A 41 16.45 -1.54 3.37
N VAL A 42 15.84 -2.52 4.05
CA VAL A 42 14.40 -2.54 4.31
C VAL A 42 14.18 -2.59 5.83
N SER A 43 13.15 -1.89 6.30
CA SER A 43 12.81 -1.93 7.71
C SER A 43 11.34 -2.28 7.89
N ILE A 44 11.08 -3.22 8.79
CA ILE A 44 9.74 -3.68 9.13
C ILE A 44 9.26 -2.90 10.35
N LEU A 45 8.16 -2.16 10.19
N LEU A 45 8.18 -2.14 10.19
CA LEU A 45 7.55 -1.40 11.28
CA LEU A 45 7.57 -1.40 11.31
C LEU A 45 6.53 -2.31 11.94
C LEU A 45 6.54 -2.31 11.94
N ASP A 46 6.85 -2.86 13.11
CA ASP A 46 5.96 -3.87 13.69
C ASP A 46 6.28 -4.10 15.16
N ASP A 47 6.19 -5.35 15.61
CA ASP A 47 6.32 -5.69 17.03
C ASP A 47 7.73 -6.12 17.40
N GLY A 48 8.70 -5.93 16.51
CA GLY A 48 10.07 -6.30 16.76
C GLY A 48 10.59 -7.29 15.73
N ILE A 49 11.88 -7.55 15.81
CA ILE A 49 12.51 -8.50 14.91
C ILE A 49 13.52 -9.35 15.67
N GLU A 50 13.42 -10.66 15.51
CA GLU A 50 14.35 -11.59 16.15
C GLU A 50 15.64 -11.57 15.35
N LYS A 51 16.55 -10.67 15.74
CA LYS A 51 17.70 -10.39 14.90
C LYS A 51 18.69 -11.55 14.88
N ASN A 52 18.60 -12.46 15.84
CA ASN A 52 19.47 -13.63 15.87
C ASN A 52 18.84 -14.84 15.23
N HIS A 53 17.71 -14.68 14.53
CA HIS A 53 17.11 -15.81 13.87
C HIS A 53 18.09 -16.40 12.86
N PRO A 54 18.27 -17.72 12.81
N PRO A 54 18.24 -17.72 12.80
CA PRO A 54 19.26 -18.27 11.87
CA PRO A 54 19.24 -18.30 11.87
C PRO A 54 19.03 -17.86 10.42
C PRO A 54 19.01 -17.98 10.41
N ASP A 55 17.80 -17.56 10.01
CA ASP A 55 17.54 -17.15 8.62
C ASP A 55 17.51 -15.63 8.44
N LEU A 56 17.73 -14.87 9.51
CA LEU A 56 17.79 -13.41 9.41
C LEU A 56 19.15 -12.83 9.77
N ALA A 57 19.92 -13.50 10.64
CA ALA A 57 21.13 -12.90 11.19
C ALA A 57 22.08 -12.44 10.09
N GLY A 58 22.21 -13.23 9.04
CA GLY A 58 23.18 -12.91 8.00
C GLY A 58 22.87 -11.62 7.25
N ASN A 59 21.61 -11.20 7.25
CA ASN A 59 21.18 -9.98 6.56
C ASN A 59 20.77 -8.88 7.53
N TYR A 60 20.82 -9.15 8.84
CA TYR A 60 20.34 -8.18 9.81
C TYR A 60 21.19 -6.92 9.83
N ASP A 61 20.52 -5.78 9.91
CA ASP A 61 21.15 -4.46 9.85
C ASP A 61 20.72 -3.65 11.06
N PRO A 62 21.58 -3.44 12.05
CA PRO A 62 21.20 -2.60 13.21
C PRO A 62 20.81 -1.19 12.80
N GLY A 63 21.36 -0.68 11.70
CA GLY A 63 21.04 0.65 11.24
C GLY A 63 19.68 0.78 10.61
N ALA A 64 19.02 -0.34 10.39
CA ALA A 64 17.63 -0.35 9.94
C ALA A 64 16.67 -0.61 11.09
N SER A 65 17.15 -0.50 12.33
CA SER A 65 16.38 -0.97 13.47
C SER A 65 16.36 0.04 14.60
N PHE A 66 15.29 -0.03 15.38
CA PHE A 66 15.18 0.71 16.62
C PHE A 66 14.00 0.16 17.42
N ASP A 67 14.02 0.44 18.72
CA ASP A 67 12.96 0.07 19.64
C ASP A 67 12.35 1.37 20.14
N VAL A 68 11.26 1.81 19.52
N VAL A 68 11.25 1.78 19.51
CA VAL A 68 10.59 3.04 19.96
CA VAL A 68 10.59 3.01 19.92
C VAL A 68 9.59 2.80 21.08
C VAL A 68 9.71 2.78 21.14
N ASN A 69 9.29 1.53 21.40
CA ASN A 69 8.43 1.25 22.55
C ASN A 69 9.19 1.42 23.87
N ASP A 70 10.44 0.92 23.94
CA ASP A 70 11.26 1.01 25.14
C ASP A 70 12.39 2.02 25.00
N GLN A 71 12.48 2.70 23.87
CA GLN A 71 13.47 3.75 23.65
C GLN A 71 14.89 3.21 23.77
N ASP A 72 15.23 2.26 22.90
CA ASP A 72 16.57 1.73 22.84
C ASP A 72 16.83 1.22 21.42
N PRO A 73 18.08 0.90 21.09
CA PRO A 73 18.38 0.54 19.69
C PRO A 73 17.99 -0.87 19.30
N ASP A 74 17.64 -1.72 20.27
CA ASP A 74 17.56 -3.15 20.06
C ASP A 74 16.11 -3.56 19.89
N PRO A 75 15.67 -3.98 18.69
CA PRO A 75 14.26 -4.29 18.46
C PRO A 75 13.86 -5.72 18.78
N GLN A 76 14.68 -6.41 19.59
CA GLN A 76 14.36 -7.80 19.90
C GLN A 76 12.93 -7.90 20.45
N PRO A 77 12.14 -8.87 20.00
CA PRO A 77 10.76 -9.00 20.50
C PRO A 77 10.70 -9.37 21.97
N ARG A 78 9.57 -9.01 22.57
CA ARG A 78 9.23 -9.46 23.91
C ARG A 78 8.62 -10.86 23.81
N TYR A 79 9.27 -11.83 24.42
CA TYR A 79 8.83 -13.22 24.35
C TYR A 79 7.72 -13.47 25.36
N THR A 80 6.65 -14.11 24.90
CA THR A 80 5.47 -14.40 25.71
C THR A 80 4.97 -15.79 25.38
N GLN A 81 4.14 -16.34 26.27
N GLN A 81 4.14 -16.33 26.28
CA GLN A 81 3.67 -17.71 26.12
CA GLN A 81 3.66 -17.70 26.15
C GLN A 81 2.85 -17.91 24.86
C GLN A 81 2.79 -17.92 24.92
N MET A 82 2.16 -16.88 24.39
CA MET A 82 1.37 -16.98 23.18
C MET A 82 2.11 -16.50 21.93
N ASN A 83 3.39 -16.14 22.07
CA ASN A 83 4.20 -15.70 20.94
C ASN A 83 3.56 -14.53 20.21
N ASP A 84 3.02 -13.59 20.99
CA ASP A 84 2.29 -12.45 20.43
C ASP A 84 3.15 -11.62 19.48
N ASN A 85 4.42 -11.45 19.83
CA ASN A 85 5.28 -10.50 19.16
C ASN A 85 6.13 -11.14 18.09
N ARG A 86 5.53 -12.02 17.30
CA ARG A 86 6.21 -12.76 16.26
C ARG A 86 6.04 -12.13 14.88
N HIS A 87 5.16 -11.15 14.74
CA HIS A 87 4.76 -10.75 13.40
C HIS A 87 5.90 -10.07 12.65
N GLY A 88 6.66 -9.20 13.31
CA GLY A 88 7.75 -8.54 12.62
C GLY A 88 8.79 -9.51 12.11
N THR A 89 9.03 -10.59 12.86
CA THR A 89 9.98 -11.61 12.43
C THR A 89 9.46 -12.35 11.21
N ARG A 90 8.17 -12.67 11.19
CA ARG A 90 7.56 -13.23 10.00
C ARG A 90 7.71 -12.31 8.80
N CYS A 91 7.42 -11.03 8.97
CA CYS A 91 7.53 -10.11 7.85
C CYS A 91 8.96 -9.94 7.39
N ALA A 92 9.91 -9.88 8.34
CA ALA A 92 11.32 -9.69 7.97
C ALA A 92 11.79 -10.81 7.05
N GLY A 93 11.39 -12.05 7.35
CA GLY A 93 11.83 -13.17 6.53
C GLY A 93 11.22 -13.16 5.15
N GLU A 94 10.00 -12.62 5.02
CA GLU A 94 9.39 -12.49 3.71
C GLU A 94 10.26 -11.64 2.79
N VAL A 95 10.78 -10.55 3.33
CA VAL A 95 11.60 -9.63 2.56
C VAL A 95 12.97 -10.24 2.29
N ALA A 96 13.63 -10.76 3.35
CA ALA A 96 15.07 -10.93 3.26
C ALA A 96 15.61 -12.14 4.02
N ALA A 97 14.84 -13.20 4.20
CA ALA A 97 15.42 -14.42 4.73
C ALA A 97 16.58 -14.88 3.85
N VAL A 98 17.63 -15.37 4.51
CA VAL A 98 18.87 -15.75 3.84
C VAL A 98 18.62 -16.96 2.95
N ALA A 99 19.28 -16.98 1.79
CA ALA A 99 19.12 -18.04 0.80
C ALA A 99 20.27 -19.03 0.87
N ASN A 100 19.97 -20.28 0.53
CA ASN A 100 20.98 -21.34 0.32
C ASN A 100 21.77 -21.65 1.59
N ASN A 101 21.08 -21.62 2.73
CA ASN A 101 21.72 -21.84 4.02
C ASN A 101 21.08 -22.99 4.79
N GLY A 102 20.26 -23.80 4.13
CA GLY A 102 19.66 -24.97 4.76
C GLY A 102 18.62 -24.68 5.81
N VAL A 103 18.12 -23.45 5.88
CA VAL A 103 17.17 -23.03 6.91
C VAL A 103 15.94 -22.45 6.23
N CYS A 104 14.77 -22.92 6.64
N CYS A 104 14.76 -22.89 6.67
CA CYS A 104 13.47 -22.40 6.20
CA CYS A 104 13.48 -22.36 6.22
C CYS A 104 13.45 -22.15 4.69
C CYS A 104 13.45 -22.14 4.71
N GLY A 105 13.01 -20.95 4.28
CA GLY A 105 12.97 -20.62 2.87
C GLY A 105 13.87 -19.45 2.53
N VAL A 106 13.42 -18.56 1.66
CA VAL A 106 14.22 -17.39 1.29
C VAL A 106 13.32 -16.16 1.26
N GLY A 107 13.96 -15.01 1.39
CA GLY A 107 13.27 -13.77 1.14
C GLY A 107 13.17 -13.46 -0.34
N VAL A 108 12.23 -12.58 -0.67
CA VAL A 108 12.13 -12.09 -2.03
C VAL A 108 13.43 -11.43 -2.44
N ALA A 109 13.98 -10.61 -1.54
CA ALA A 109 15.24 -9.91 -1.73
C ALA A 109 16.26 -10.51 -0.77
N TYR A 110 16.70 -11.73 -1.07
CA TYR A 110 17.44 -12.49 -0.08
C TYR A 110 18.87 -12.02 0.11
N ASN A 111 19.32 -10.99 -0.62
CA ASN A 111 20.58 -10.33 -0.30
C ASN A 111 20.43 -8.91 0.21
N ALA A 112 19.21 -8.48 0.46
CA ALA A 112 18.99 -7.18 1.05
C ALA A 112 19.33 -7.22 2.53
N ARG A 113 19.56 -6.05 3.10
CA ARG A 113 19.69 -5.90 4.53
C ARG A 113 18.33 -5.60 5.13
N ILE A 114 18.10 -6.12 6.32
CA ILE A 114 16.76 -6.14 6.91
C ILE A 114 16.87 -5.70 8.37
N GLY A 115 15.97 -4.81 8.77
CA GLY A 115 15.86 -4.42 10.16
C GLY A 115 14.39 -4.32 10.55
N GLY A 116 14.17 -3.93 11.79
CA GLY A 116 12.82 -3.79 12.30
C GLY A 116 12.75 -2.67 13.30
N VAL A 117 11.61 -1.99 13.30
CA VAL A 117 11.29 -1.03 14.33
C VAL A 117 10.29 -1.70 15.26
N ARG A 118 10.67 -1.84 16.53
CA ARG A 118 9.74 -2.33 17.55
C ARG A 118 8.91 -1.13 17.97
N MET A 119 7.68 -1.06 17.48
N MET A 119 7.67 -1.07 17.49
CA MET A 119 6.81 0.07 17.74
CA MET A 119 6.82 0.09 17.76
C MET A 119 5.41 -0.31 18.18
C MET A 119 5.35 -0.25 17.98
N LEU A 120 4.93 -1.51 17.84
CA LEU A 120 3.57 -1.90 18.14
C LEU A 120 3.38 -2.52 19.52
N ASP A 121 4.46 -2.79 20.25
CA ASP A 121 4.34 -3.47 21.55
C ASP A 121 4.37 -2.44 22.67
N GLY A 122 3.33 -1.64 22.71
CA GLY A 122 3.22 -0.49 23.58
C GLY A 122 2.20 0.47 23.00
N GLU A 123 2.01 1.58 23.71
CA GLU A 123 1.04 2.57 23.28
C GLU A 123 1.55 3.23 22.00
N VAL A 124 0.77 3.17 20.93
CA VAL A 124 1.18 3.78 19.67
C VAL A 124 0.59 5.19 19.64
N THR A 125 1.45 6.16 19.89
CA THR A 125 1.13 7.58 19.83
C THR A 125 1.61 8.15 18.51
N ASP A 126 1.18 9.38 18.23
CA ASP A 126 1.66 10.10 17.05
C ASP A 126 3.19 10.19 17.06
N ALA A 127 3.76 10.48 18.23
CA ALA A 127 5.23 10.57 18.31
C ALA A 127 5.89 9.24 17.99
N VAL A 128 5.33 8.14 18.50
CA VAL A 128 5.88 6.81 18.21
C VAL A 128 5.87 6.56 16.71
N GLU A 129 4.74 6.84 16.08
CA GLU A 129 4.62 6.68 14.64
C GLU A 129 5.65 7.52 13.90
N ALA A 130 5.79 8.79 14.31
CA ALA A 130 6.68 9.68 13.58
C ALA A 130 8.12 9.24 13.73
N ARG A 131 8.50 8.81 14.93
CA ARG A 131 9.89 8.39 15.15
C ARG A 131 10.20 7.08 14.44
N SER A 132 9.17 6.31 14.10
CA SER A 132 9.34 5.05 13.37
C SER A 132 9.46 5.29 11.88
N LEU A 133 8.50 6.03 11.32
CA LEU A 133 8.54 6.40 9.91
C LEU A 133 9.80 7.18 9.57
N GLY A 134 10.29 7.96 10.50
CA GLY A 134 11.46 8.78 10.28
C GLY A 134 12.77 8.17 10.71
N LEU A 135 12.81 6.86 10.98
CA LEU A 135 14.04 6.22 11.39
C LEU A 135 15.07 6.24 10.26
N ASN A 136 16.26 6.76 10.55
CA ASN A 136 17.43 6.69 9.67
C ASN A 136 17.09 6.77 8.19
N PRO A 137 16.47 7.87 7.74
CA PRO A 137 15.90 7.92 6.39
C PRO A 137 16.92 8.09 5.28
N ASN A 138 18.19 8.28 5.58
CA ASN A 138 19.23 8.22 4.56
C ASN A 138 20.01 6.93 4.61
N HIS A 139 19.58 5.97 5.42
CA HIS A 139 20.11 4.62 5.41
C HIS A 139 19.08 3.60 4.96
N ILE A 140 17.87 3.67 5.51
CA ILE A 140 16.79 2.78 5.13
C ILE A 140 16.18 3.29 3.82
N HIS A 141 15.98 2.39 2.88
CA HIS A 141 15.39 2.76 1.61
C HIS A 141 13.89 2.57 1.60
N ILE A 142 13.44 1.46 2.18
CA ILE A 142 12.08 0.99 2.08
C ILE A 142 11.59 0.65 3.47
N TYR A 143 10.40 1.13 3.82
CA TYR A 143 9.73 0.82 5.06
C TYR A 143 8.49 -0.01 4.74
N SER A 144 8.27 -1.07 5.53
CA SER A 144 7.13 -1.95 5.34
C SER A 144 6.27 -1.93 6.59
N ALA A 145 4.99 -1.58 6.41
CA ALA A 145 4.06 -1.45 7.52
C ALA A 145 2.79 -2.20 7.18
N SER A 146 2.40 -3.11 8.06
CA SER A 146 1.30 -4.00 7.80
C SER A 146 0.02 -3.66 8.55
N TRP A 147 0.00 -2.56 9.30
CA TRP A 147 -1.04 -2.28 10.27
C TRP A 147 -1.37 -0.79 10.27
N GLY A 148 -2.46 -0.46 10.94
CA GLY A 148 -2.93 0.91 11.02
C GLY A 148 -4.07 0.99 12.00
N PRO A 149 -4.96 1.96 11.77
CA PRO A 149 -6.16 2.08 12.61
C PRO A 149 -6.97 0.80 12.59
N GLU A 150 -7.74 0.62 13.65
CA GLU A 150 -8.47 -0.63 13.84
C GLU A 150 -9.33 -0.96 12.63
N ASP A 151 -9.23 -2.21 12.20
CA ASP A 151 -9.98 -2.73 11.06
C ASP A 151 -11.36 -3.22 11.51
N ASP A 152 -12.04 -2.39 12.29
CA ASP A 152 -13.34 -2.77 12.81
C ASP A 152 -14.49 -2.35 11.92
N GLY A 153 -14.23 -1.68 10.79
CA GLY A 153 -15.29 -1.27 9.92
C GLY A 153 -16.08 -0.08 10.42
N LYS A 154 -15.59 0.59 11.46
CA LYS A 154 -16.27 1.79 11.93
C LYS A 154 -15.33 2.94 12.25
N THR A 155 -14.04 2.75 12.09
CA THR A 155 -13.06 3.78 12.37
C THR A 155 -12.71 4.57 11.12
N VAL A 156 -12.58 5.89 11.29
CA VAL A 156 -11.97 6.78 10.31
C VAL A 156 -10.81 7.45 11.03
N ASP A 157 -9.58 7.14 10.63
CA ASP A 157 -8.45 7.76 11.29
C ASP A 157 -7.23 7.61 10.38
N GLY A 158 -6.25 8.44 10.65
CA GLY A 158 -5.06 8.50 9.84
C GLY A 158 -3.93 9.12 10.63
N PRO A 159 -2.81 9.37 9.98
CA PRO A 159 -1.67 9.97 10.68
C PRO A 159 -2.05 11.34 11.23
N ALA A 160 -1.72 11.54 12.51
CA ALA A 160 -1.83 12.86 13.14
C ALA A 160 -0.61 13.68 12.70
N ARG A 161 -0.39 14.82 13.36
CA ARG A 161 0.48 15.84 12.74
C ARG A 161 1.93 15.36 12.62
N LEU A 162 2.49 14.78 13.67
CA LEU A 162 3.90 14.37 13.60
C LEU A 162 4.10 13.28 12.56
N ALA A 163 3.19 12.31 12.51
CA ALA A 163 3.31 11.24 11.53
C ALA A 163 3.14 11.75 10.10
N GLU A 164 2.19 12.66 9.86
N GLU A 164 2.19 12.66 9.89
CA GLU A 164 2.07 13.21 8.51
CA GLU A 164 2.00 13.28 8.59
C GLU A 164 3.32 14.01 8.14
C GLU A 164 3.26 14.04 8.16
N GLU A 165 3.87 14.75 9.11
CA GLU A 165 5.12 15.46 8.82
C GLU A 165 6.23 14.48 8.50
N ALA A 166 6.23 13.32 9.17
CA ALA A 166 7.24 12.30 8.87
C ALA A 166 7.11 11.78 7.45
N PHE A 167 5.86 11.56 6.99
CA PHE A 167 5.65 11.18 5.60
C PHE A 167 6.19 12.24 4.64
N PHE A 168 5.88 13.53 4.87
N PHE A 168 5.78 13.50 4.88
CA PHE A 168 6.34 14.52 3.89
CA PHE A 168 6.25 14.66 4.12
C PHE A 168 7.86 14.71 3.98
C PHE A 168 7.78 14.64 4.02
N ARG A 169 8.43 14.63 5.20
CA ARG A 169 9.89 14.70 5.27
C ARG A 169 10.52 13.50 4.59
N GLY A 170 9.91 12.33 4.76
CA GLY A 170 10.45 11.12 4.15
C GLY A 170 10.46 11.17 2.64
N VAL A 171 9.34 11.54 2.02
CA VAL A 171 9.27 11.51 0.56
C VAL A 171 10.03 12.68 -0.03
N SER A 172 10.24 13.74 0.73
CA SER A 172 10.89 14.93 0.21
C SER A 172 12.40 14.88 0.36
N GLN A 173 12.88 14.61 1.56
CA GLN A 173 14.31 14.64 1.83
C GLN A 173 14.89 13.25 2.08
N GLY A 174 14.07 12.27 2.40
CA GLY A 174 14.56 10.91 2.58
C GLY A 174 15.28 10.38 1.36
N ARG A 175 16.14 9.40 1.60
CA ARG A 175 16.86 8.69 0.55
C ARG A 175 17.58 9.67 -0.37
N GLY A 176 18.28 10.62 0.24
CA GLY A 176 19.04 11.57 -0.55
C GLY A 176 18.19 12.43 -1.43
N GLY A 177 16.96 12.67 -1.05
CA GLY A 177 16.05 13.49 -1.84
C GLY A 177 15.24 12.73 -2.86
N LEU A 178 15.47 11.43 -3.00
CA LEU A 178 14.63 10.61 -3.87
C LEU A 178 13.34 10.16 -3.20
N GLY A 179 13.30 10.17 -1.87
CA GLY A 179 12.11 9.87 -1.10
C GLY A 179 12.05 8.45 -0.54
N SER A 180 11.82 8.36 0.76
CA SER A 180 11.53 7.08 1.39
C SER A 180 10.39 6.40 0.66
N ILE A 181 10.50 5.08 0.50
CA ILE A 181 9.42 4.28 -0.06
C ILE A 181 8.70 3.61 1.10
N PHE A 182 7.44 4.02 1.31
CA PHE A 182 6.59 3.46 2.38
C PHE A 182 5.60 2.49 1.75
N VAL A 183 5.76 1.21 2.04
CA VAL A 183 4.87 0.16 1.55
C VAL A 183 3.87 -0.17 2.65
N TRP A 184 2.58 -0.19 2.32
CA TRP A 184 1.53 -0.37 3.31
C TRP A 184 0.57 -1.46 2.91
N ALA A 185 0.10 -2.21 3.91
CA ALA A 185 -0.98 -3.15 3.73
C ALA A 185 -2.30 -2.40 3.77
N SER A 186 -3.20 -2.70 2.84
CA SER A 186 -4.46 -1.97 2.76
C SER A 186 -5.48 -2.34 3.84
N GLY A 187 -5.25 -3.45 4.57
CA GLY A 187 -6.08 -3.76 5.72
C GLY A 187 -6.60 -5.18 5.77
N ASN A 188 -7.04 -5.61 6.96
CA ASN A 188 -7.58 -6.95 7.18
C ASN A 188 -9.05 -6.92 7.56
N GLY A 189 -9.74 -5.80 7.34
CA GLY A 189 -11.10 -5.60 7.80
C GLY A 189 -12.24 -6.13 6.95
N GLY A 190 -11.93 -7.04 6.02
CA GLY A 190 -12.95 -7.55 5.10
C GLY A 190 -14.19 -8.10 5.78
N ARG A 191 -14.06 -8.89 6.85
CA ARG A 191 -15.26 -9.49 7.41
C ARG A 191 -16.11 -8.47 8.16
N GLU A 192 -15.53 -7.33 8.49
CA GLU A 192 -16.25 -6.20 9.07
C GLU A 192 -16.75 -5.22 8.00
N HIS A 193 -16.63 -5.60 6.73
CA HIS A 193 -17.04 -4.75 5.62
C HIS A 193 -16.33 -3.40 5.68
N ASP A 194 -15.07 -3.44 6.10
CA ASP A 194 -14.29 -2.20 6.14
C ASP A 194 -13.95 -1.75 4.73
N SER A 195 -13.70 -0.46 4.60
CA SER A 195 -13.51 0.22 3.31
C SER A 195 -12.24 1.04 3.50
N CYS A 196 -11.16 0.70 2.79
CA CYS A 196 -9.85 1.11 3.30
C CYS A 196 -9.48 2.57 3.05
N ASN A 197 -10.27 3.35 2.31
CA ASN A 197 -9.95 4.78 2.27
C ASN A 197 -10.21 5.47 3.61
N CYS A 198 -10.87 4.80 4.56
CA CYS A 198 -11.06 5.30 5.90
C CYS A 198 -9.85 5.08 6.79
N ASP A 199 -8.79 4.48 6.23
CA ASP A 199 -7.48 4.30 6.87
C ASP A 199 -6.52 5.26 6.17
N GLY A 200 -6.17 6.34 6.87
CA GLY A 200 -5.39 7.43 6.27
C GLY A 200 -3.94 7.07 5.98
N TYR A 201 -3.47 5.94 6.50
CA TYR A 201 -2.12 5.50 6.17
C TYR A 201 -2.10 4.89 4.77
N THR A 202 -2.96 3.90 4.53
CA THR A 202 -3.02 3.31 3.20
C THR A 202 -3.64 4.27 2.19
N ASN A 203 -4.57 5.14 2.63
CA ASN A 203 -5.16 6.14 1.75
C ASN A 203 -4.20 7.27 1.35
N SER A 204 -3.03 7.35 1.97
CA SER A 204 -2.05 8.39 1.64
C SER A 204 -1.46 8.18 0.25
N ILE A 205 -1.17 9.29 -0.43
CA ILE A 205 -0.41 9.18 -1.67
C ILE A 205 1.02 8.75 -1.41
N TYR A 206 1.52 8.98 -0.18
CA TYR A 206 2.92 8.72 0.14
C TYR A 206 3.18 7.26 0.45
N THR A 207 2.14 6.45 0.56
CA THR A 207 2.33 5.03 0.78
C THR A 207 1.94 4.26 -0.48
N LEU A 208 2.70 3.22 -0.76
CA LEU A 208 2.47 2.35 -1.90
C LEU A 208 1.68 1.18 -1.34
N SER A 209 0.37 1.19 -1.57
CA SER A 209 -0.55 0.31 -0.84
C SER A 209 -0.87 -0.97 -1.60
N ILE A 210 -0.95 -2.06 -0.84
CA ILE A 210 -0.94 -3.41 -1.36
C ILE A 210 -2.07 -4.21 -0.75
N SER A 211 -2.81 -4.93 -1.58
CA SER A 211 -3.85 -5.86 -1.16
C SER A 211 -3.44 -7.30 -1.49
N SER A 212 -4.34 -8.23 -1.20
CA SER A 212 -4.03 -9.66 -1.26
C SER A 212 -4.87 -10.41 -2.28
N ALA A 213 -4.31 -11.51 -2.78
CA ALA A 213 -5.05 -12.51 -3.56
C ALA A 213 -4.76 -13.89 -2.99
N THR A 214 -5.76 -14.75 -3.01
CA THR A 214 -5.58 -16.11 -2.55
C THR A 214 -4.87 -16.93 -3.63
N GLN A 215 -4.42 -18.12 -3.24
CA GLN A 215 -3.69 -18.98 -4.16
C GLN A 215 -4.48 -19.26 -5.43
N PHE A 216 -5.79 -19.48 -5.31
CA PHE A 216 -6.63 -19.74 -6.46
C PHE A 216 -7.08 -18.46 -7.17
N GLY A 217 -6.54 -17.31 -6.79
CA GLY A 217 -6.81 -16.07 -7.49
C GLY A 217 -8.08 -15.35 -7.08
N ASN A 218 -8.50 -15.49 -5.84
CA ASN A 218 -9.72 -14.87 -5.35
C ASN A 218 -9.43 -13.78 -4.32
N VAL A 219 -10.46 -12.97 -4.05
CA VAL A 219 -10.40 -11.93 -3.02
C VAL A 219 -10.56 -12.57 -1.65
N PRO A 220 -9.54 -12.57 -0.80
CA PRO A 220 -9.65 -13.25 0.50
C PRO A 220 -10.74 -12.66 1.38
N TRP A 221 -11.17 -13.46 2.34
CA TRP A 221 -12.21 -13.02 3.25
C TRP A 221 -11.83 -11.72 3.94
N TYR A 222 -10.53 -11.50 4.20
CA TYR A 222 -10.07 -10.36 5.01
C TYR A 222 -9.81 -9.09 4.19
N SER A 223 -9.92 -9.15 2.87
CA SER A 223 -9.57 -8.01 2.04
C SER A 223 -10.56 -6.83 2.21
N GLU A 224 -10.00 -5.63 2.16
CA GLU A 224 -10.75 -4.38 2.09
C GLU A 224 -10.59 -3.84 0.69
N ALA A 225 -11.71 -3.47 0.06
CA ALA A 225 -11.68 -2.78 -1.21
C ALA A 225 -11.59 -1.27 -1.00
N CYS A 226 -10.81 -0.61 -1.84
CA CYS A 226 -10.82 0.85 -1.87
C CYS A 226 -10.02 1.34 -3.08
N SER A 227 -10.23 2.62 -3.41
CA SER A 227 -9.62 3.18 -4.62
C SER A 227 -8.18 3.58 -4.41
N SER A 228 -7.72 3.66 -3.16
CA SER A 228 -6.34 4.05 -2.89
C SER A 228 -5.34 2.91 -3.10
N THR A 229 -5.80 1.67 -3.18
CA THR A 229 -4.87 0.56 -3.38
C THR A 229 -4.21 0.62 -4.75
N LEU A 230 -2.94 0.25 -4.81
N LEU A 230 -2.93 0.28 -4.80
CA LEU A 230 -2.21 0.29 -6.08
CA LEU A 230 -2.19 0.28 -6.06
C LEU A 230 -1.95 -1.08 -6.68
C LEU A 230 -2.06 -1.11 -6.67
N ALA A 231 -1.75 -2.12 -5.88
CA ALA A 231 -1.42 -3.43 -6.44
C ALA A 231 -1.59 -4.52 -5.39
N THR A 232 -1.24 -5.76 -5.78
CA THR A 232 -1.61 -6.97 -5.07
C THR A 232 -0.42 -7.93 -4.99
N THR A 233 -0.28 -8.62 -3.86
CA THR A 233 0.56 -9.80 -3.80
C THR A 233 -0.25 -10.95 -3.20
N TYR A 234 0.20 -12.16 -3.49
CA TYR A 234 -0.44 -13.35 -2.93
C TYR A 234 -0.34 -13.36 -1.41
N SER A 235 -1.38 -13.91 -0.78
CA SER A 235 -1.35 -14.26 0.63
C SER A 235 -2.31 -15.41 0.89
N SER A 236 -2.81 -15.53 2.11
CA SER A 236 -3.62 -16.67 2.52
C SER A 236 -5.07 -16.56 2.04
N GLY A 237 -5.78 -17.68 2.16
CA GLY A 237 -7.18 -17.75 1.78
C GLY A 237 -7.89 -18.79 2.61
N ASN A 238 -8.56 -19.74 1.97
CA ASN A 238 -9.28 -20.78 2.68
C ASN A 238 -8.32 -21.91 3.06
N GLN A 239 -8.84 -22.96 3.67
CA GLN A 239 -7.94 -23.98 4.22
C GLN A 239 -7.47 -25.01 3.19
N ASN A 240 -7.95 -24.91 1.95
CA ASN A 240 -7.39 -25.67 0.84
C ASN A 240 -6.31 -24.90 0.10
N GLU A 241 -6.11 -23.63 0.45
CA GLU A 241 -5.13 -22.78 -0.21
C GLU A 241 -3.91 -22.63 0.68
N LYS A 242 -2.74 -22.58 0.06
CA LYS A 242 -1.52 -22.46 0.82
C LYS A 242 -1.38 -21.03 1.35
N GLN A 243 -0.43 -20.84 2.25
CA GLN A 243 -0.25 -19.57 2.95
C GLN A 243 1.19 -19.12 2.78
N ILE A 244 1.64 -18.16 3.57
CA ILE A 244 2.98 -17.62 3.41
C ILE A 244 3.93 -18.38 4.33
N VAL A 245 5.10 -18.71 3.78
CA VAL A 245 6.11 -19.52 4.44
C VAL A 245 7.29 -18.61 4.78
N THR A 246 7.68 -18.58 6.05
CA THR A 246 8.68 -17.58 6.45
C THR A 246 9.26 -17.92 7.82
N THR A 247 10.16 -17.05 8.26
CA THR A 247 10.80 -17.14 9.57
C THR A 247 9.79 -16.84 10.66
N ASP A 248 9.93 -17.50 11.81
CA ASP A 248 9.03 -17.31 12.93
C ASP A 248 9.83 -17.16 14.22
N LEU A 249 9.16 -16.56 15.20
CA LEU A 249 9.77 -16.33 16.50
C LEU A 249 10.30 -17.63 17.09
N ARG A 250 11.34 -17.51 17.91
CA ARG A 250 12.01 -18.64 18.56
C ARG A 250 12.77 -19.52 17.56
N GLN A 251 13.32 -18.87 16.52
CA GLN A 251 14.24 -19.49 15.57
C GLN A 251 13.59 -20.62 14.80
N LYS A 252 12.30 -20.47 14.52
CA LYS A 252 11.49 -21.48 13.87
C LYS A 252 11.09 -21.02 12.47
N CYS A 253 10.29 -21.85 11.81
N CYS A 253 10.47 -21.91 11.74
CA CYS A 253 9.84 -21.62 10.45
CA CYS A 253 9.80 -21.52 10.51
C CYS A 253 8.34 -21.90 10.37
C CYS A 253 8.30 -21.59 10.75
N THR A 254 7.57 -20.95 9.85
CA THR A 254 6.12 -21.09 9.81
C THR A 254 5.68 -21.26 8.36
N GLU A 255 4.61 -22.03 8.19
CA GLU A 255 3.93 -22.13 6.90
C GLU A 255 2.56 -21.49 6.95
N SER A 256 2.24 -20.71 7.99
CA SER A 256 0.88 -20.24 8.20
C SER A 256 0.83 -18.75 8.52
N HIS A 257 1.59 -17.97 7.77
CA HIS A 257 1.56 -16.51 7.85
C HIS A 257 0.48 -16.04 6.87
N THR A 258 -0.33 -15.09 7.29
CA THR A 258 -1.62 -14.83 6.65
C THR A 258 -1.92 -13.34 6.55
N GLY A 259 -2.96 -13.04 5.78
CA GLY A 259 -3.58 -11.72 5.77
C GLY A 259 -2.89 -10.75 4.84
N THR A 260 -3.56 -9.61 4.65
CA THR A 260 -2.96 -8.51 3.89
C THR A 260 -1.68 -8.05 4.55
N SER A 261 -1.60 -8.22 5.87
CA SER A 261 -0.41 -7.89 6.63
C SER A 261 0.78 -8.77 6.25
N ALA A 262 0.55 -9.90 5.55
CA ALA A 262 1.64 -10.67 4.95
C ALA A 262 1.92 -10.28 3.50
N SER A 263 1.02 -9.51 2.86
CA SER A 263 1.24 -9.11 1.48
C SER A 263 2.19 -7.93 1.36
N ALA A 264 2.10 -6.96 2.27
CA ALA A 264 2.97 -5.78 2.14
C ALA A 264 4.44 -6.16 2.17
N PRO A 265 4.90 -7.06 3.03
CA PRO A 265 6.34 -7.39 3.02
C PRO A 265 6.79 -8.00 1.72
N LEU A 266 5.95 -8.82 1.07
CA LEU A 266 6.37 -9.37 -0.21
C LEU A 266 6.54 -8.25 -1.23
N ALA A 267 5.63 -7.28 -1.21
CA ALA A 267 5.77 -6.11 -2.09
C ALA A 267 7.06 -5.36 -1.76
N ALA A 268 7.35 -5.16 -0.47
CA ALA A 268 8.58 -4.47 -0.09
C ALA A 268 9.81 -5.18 -0.64
N GLY A 269 9.80 -6.51 -0.62
CA GLY A 269 10.91 -7.24 -1.23
C GLY A 269 11.01 -7.01 -2.72
N ILE A 270 9.88 -7.03 -3.43
CA ILE A 270 9.91 -6.81 -4.87
C ILE A 270 10.42 -5.40 -5.15
N ILE A 271 9.99 -4.44 -4.35
CA ILE A 271 10.46 -3.07 -4.52
C ILE A 271 11.95 -2.99 -4.24
N ALA A 272 12.44 -3.79 -3.29
CA ALA A 272 13.89 -3.83 -3.05
C ALA A 272 14.65 -4.33 -4.29
N LEU A 273 14.14 -5.38 -4.95
CA LEU A 273 14.78 -5.83 -6.18
C LEU A 273 14.79 -4.73 -7.22
N THR A 274 13.67 -4.01 -7.33
CA THR A 274 13.54 -2.95 -8.32
C THR A 274 14.52 -1.82 -8.05
N LEU A 275 14.68 -1.42 -6.78
N LEU A 275 14.69 -1.45 -6.79
CA LEU A 275 15.63 -0.37 -6.45
CA LEU A 275 15.63 -0.37 -6.45
C LEU A 275 17.05 -0.79 -6.80
C LEU A 275 17.07 -0.77 -6.71
N GLU A 276 17.40 -2.05 -6.55
CA GLU A 276 18.74 -2.49 -6.92
C GLU A 276 18.95 -2.30 -8.40
N ALA A 277 17.91 -2.53 -9.20
CA ALA A 277 18.02 -2.39 -10.64
C ALA A 277 18.16 -0.93 -11.05
N ASN A 278 17.69 0.01 -10.22
CA ASN A 278 17.86 1.44 -10.52
C ASN A 278 17.78 2.21 -9.20
N LYS A 279 18.94 2.53 -8.64
CA LYS A 279 18.93 3.14 -7.31
C LYS A 279 18.48 4.58 -7.35
N ASN A 280 18.28 5.14 -8.55
N ASN A 280 18.33 5.18 -8.53
CA ASN A 280 17.92 6.53 -8.71
CA ASN A 280 17.92 6.57 -8.66
C ASN A 280 16.42 6.75 -8.76
C ASN A 280 16.42 6.72 -8.93
N LEU A 281 15.63 5.68 -8.67
CA LEU A 281 14.18 5.82 -8.72
C LEU A 281 13.67 6.63 -7.54
N THR A 282 12.78 7.58 -7.83
CA THR A 282 12.13 8.34 -6.76
C THR A 282 10.94 7.56 -6.22
N TRP A 283 10.38 8.05 -5.12
CA TRP A 283 9.21 7.42 -4.53
C TRP A 283 8.04 7.41 -5.51
N ARG A 284 7.95 8.43 -6.38
CA ARG A 284 6.89 8.45 -7.38
C ARG A 284 7.21 7.56 -8.56
N ASP A 285 8.49 7.54 -8.99
CA ASP A 285 8.89 6.59 -10.02
C ASP A 285 8.43 5.18 -9.66
N MET A 286 8.62 4.80 -8.39
CA MET A 286 8.31 3.44 -7.98
C MET A 286 6.83 3.15 -8.14
N GLN A 287 5.97 4.13 -7.82
CA GLN A 287 4.53 3.94 -8.01
C GLN A 287 4.18 3.83 -9.48
N HIS A 288 4.83 4.62 -10.33
CA HIS A 288 4.62 4.52 -11.78
C HIS A 288 4.98 3.12 -12.28
N LEU A 289 6.10 2.56 -11.81
CA LEU A 289 6.50 1.22 -12.24
C LEU A 289 5.45 0.19 -11.86
N VAL A 290 4.91 0.32 -10.64
CA VAL A 290 3.89 -0.62 -10.17
C VAL A 290 2.64 -0.52 -11.04
N VAL A 291 2.20 0.70 -11.34
CA VAL A 291 1.02 0.86 -12.19
C VAL A 291 1.26 0.22 -13.55
N GLN A 292 2.42 0.44 -14.14
CA GLN A 292 2.67 0.00 -15.50
C GLN A 292 2.89 -1.49 -15.63
N THR A 293 3.45 -2.16 -14.61
CA THR A 293 3.86 -3.55 -14.76
C THR A 293 2.95 -4.58 -14.08
N SER A 294 2.01 -4.15 -13.26
CA SER A 294 1.23 -5.10 -12.48
C SER A 294 0.22 -5.76 -13.40
N LYS A 295 -0.18 -6.97 -13.03
CA LYS A 295 -0.87 -7.88 -13.93
C LYS A 295 -2.25 -8.31 -13.39
N PRO A 296 -3.35 -7.93 -14.04
CA PRO A 296 -4.67 -8.42 -13.61
C PRO A 296 -4.91 -9.89 -13.88
N ALA A 297 -4.19 -10.52 -14.80
CA ALA A 297 -4.60 -11.82 -15.32
C ALA A 297 -4.79 -12.82 -14.20
N HIS A 298 -5.89 -13.55 -14.26
CA HIS A 298 -6.20 -14.65 -13.35
C HIS A 298 -6.52 -14.19 -11.94
N LEU A 299 -6.71 -12.90 -11.72
CA LEU A 299 -7.27 -12.43 -10.46
C LEU A 299 -8.75 -12.22 -10.66
N ASN A 300 -9.57 -12.89 -9.85
CA ASN A 300 -11.02 -12.88 -10.00
C ASN A 300 -11.63 -11.75 -9.16
N ALA A 301 -12.40 -10.88 -9.80
CA ALA A 301 -13.17 -9.85 -9.12
C ALA A 301 -14.29 -9.38 -10.05
N ASN A 302 -15.40 -8.94 -9.47
CA ASN A 302 -16.52 -8.51 -10.30
C ASN A 302 -16.46 -7.03 -10.65
N ASP A 303 -15.37 -6.33 -10.30
CA ASP A 303 -15.30 -4.90 -10.54
C ASP A 303 -14.12 -4.48 -11.41
N TRP A 304 -13.55 -5.39 -12.18
CA TRP A 304 -12.48 -5.00 -13.09
C TRP A 304 -13.03 -3.99 -14.08
N ALA A 305 -12.39 -2.85 -14.18
CA ALA A 305 -12.82 -1.82 -15.10
C ALA A 305 -11.62 -1.25 -15.83
N THR A 306 -11.83 -0.89 -17.08
CA THR A 306 -10.78 -0.29 -17.89
C THR A 306 -10.87 1.21 -17.74
N ASN A 307 -9.75 1.83 -17.35
CA ASN A 307 -9.72 3.26 -17.09
C ASN A 307 -9.43 3.99 -18.40
N GLY A 308 -9.18 5.30 -18.32
CA GLY A 308 -9.12 6.09 -19.53
C GLY A 308 -7.88 5.88 -20.36
N VAL A 309 -6.86 5.23 -19.83
CA VAL A 309 -5.65 4.92 -20.60
C VAL A 309 -5.54 3.42 -20.86
N GLY A 310 -6.64 2.70 -20.70
CA GLY A 310 -6.70 1.33 -21.13
C GLY A 310 -6.16 0.31 -20.16
N ARG A 311 -5.86 0.70 -18.92
CA ARG A 311 -5.45 -0.26 -17.90
C ARG A 311 -6.67 -0.75 -17.11
N LYS A 312 -6.68 -2.05 -16.83
CA LYS A 312 -7.70 -2.62 -15.97
C LYS A 312 -7.34 -2.33 -14.51
N VAL A 313 -8.35 -2.00 -13.72
N VAL A 313 -8.34 -1.95 -13.73
CA VAL A 313 -8.13 -1.66 -12.33
CA VAL A 313 -8.16 -1.65 -12.33
C VAL A 313 -9.33 -2.13 -11.51
C VAL A 313 -9.33 -2.22 -11.54
N SER A 314 -9.06 -2.58 -10.29
CA SER A 314 -10.04 -3.14 -9.38
C SER A 314 -9.84 -2.51 -8.03
N HIS A 315 -10.94 -2.33 -7.28
CA HIS A 315 -10.80 -1.82 -5.93
C HIS A 315 -10.27 -2.88 -4.97
N SER A 316 -10.34 -4.16 -5.36
CA SER A 316 -9.74 -5.21 -4.53
C SER A 316 -8.26 -5.38 -4.80
N TYR A 317 -7.84 -5.13 -6.04
CA TYR A 317 -6.51 -5.52 -6.46
C TYR A 317 -5.67 -4.37 -6.99
N GLY A 318 -6.23 -3.17 -7.10
CA GLY A 318 -5.52 -2.10 -7.79
C GLY A 318 -5.27 -2.50 -9.22
N TYR A 319 -4.03 -2.32 -9.67
CA TYR A 319 -3.65 -2.65 -11.04
C TYR A 319 -3.29 -4.12 -11.22
N GLY A 320 -3.36 -4.91 -10.16
CA GLY A 320 -3.13 -6.33 -10.26
C GLY A 320 -1.94 -6.84 -9.48
N LEU A 321 -1.53 -8.08 -9.80
N LEU A 321 -1.49 -8.04 -9.84
CA LEU A 321 -0.41 -8.70 -9.13
CA LEU A 321 -0.43 -8.72 -9.11
C LEU A 321 0.88 -8.00 -9.46
C LEU A 321 0.92 -8.14 -9.47
N LEU A 322 1.74 -7.83 -8.46
CA LEU A 322 3.09 -7.37 -8.74
C LEU A 322 3.81 -8.43 -9.56
N ASP A 323 4.66 -7.96 -10.45
CA ASP A 323 5.44 -8.79 -11.36
C ASP A 323 6.89 -8.35 -11.21
N ALA A 324 7.68 -9.10 -10.43
CA ALA A 324 9.03 -8.67 -10.10
C ALA A 324 9.92 -8.60 -11.34
N GLY A 325 9.84 -9.61 -12.22
CA GLY A 325 10.67 -9.60 -13.41
C GLY A 325 10.40 -8.38 -14.28
N ALA A 326 9.11 -8.03 -14.43
CA ALA A 326 8.74 -6.85 -15.21
C ALA A 326 9.18 -5.56 -14.52
N MET A 327 9.06 -5.50 -13.20
CA MET A 327 9.48 -4.33 -12.45
C MET A 327 10.97 -4.05 -12.66
N VAL A 328 11.81 -5.08 -12.49
CA VAL A 328 13.25 -4.82 -12.58
C VAL A 328 13.62 -4.51 -14.02
N ALA A 329 12.94 -5.11 -14.99
CA ALA A 329 13.26 -4.86 -16.39
C ALA A 329 12.95 -3.41 -16.75
N LEU A 330 11.76 -2.93 -16.37
CA LEU A 330 11.36 -1.57 -16.71
C LEU A 330 12.13 -0.53 -15.90
N ALA A 331 12.56 -0.88 -14.68
CA ALA A 331 13.34 0.05 -13.87
C ALA A 331 14.64 0.46 -14.53
N GLN A 332 15.29 -0.47 -15.24
CA GLN A 332 16.68 -0.23 -15.61
C GLN A 332 16.87 1.03 -16.45
N ASN A 333 16.00 1.25 -17.42
N ASN A 333 16.00 1.27 -17.43
CA ASN A 333 16.10 2.42 -18.28
CA ASN A 333 16.15 2.46 -18.27
C ASN A 333 14.93 3.38 -18.07
C ASN A 333 15.08 3.51 -17.98
N TRP A 334 14.39 3.40 -16.85
CA TRP A 334 13.31 4.33 -16.54
C TRP A 334 13.83 5.76 -16.47
N THR A 335 13.11 6.67 -17.12
CA THR A 335 13.39 8.09 -17.03
C THR A 335 12.64 8.70 -15.86
N THR A 336 13.37 9.40 -15.00
CA THR A 336 12.75 10.03 -13.85
C THR A 336 11.57 10.90 -14.26
N VAL A 337 10.49 10.78 -13.50
CA VAL A 337 9.32 11.59 -13.81
C VAL A 337 9.58 13.06 -13.47
N ALA A 338 8.80 13.92 -14.10
CA ALA A 338 8.90 15.36 -13.86
C ALA A 338 8.51 15.68 -12.41
N PRO A 339 8.86 16.86 -11.93
CA PRO A 339 8.47 17.25 -10.58
C PRO A 339 6.97 17.20 -10.42
N GLN A 340 6.54 16.87 -9.21
CA GLN A 340 5.13 16.69 -8.92
C GLN A 340 4.42 18.04 -8.87
N ARG A 341 3.34 18.14 -9.63
CA ARG A 341 2.44 19.28 -9.60
C ARG A 341 1.20 18.95 -8.77
N LYS A 342 0.55 20.00 -8.28
CA LYS A 342 -0.61 19.88 -7.41
C LYS A 342 -1.60 20.97 -7.79
N CYS A 343 -2.76 20.57 -8.28
CA CYS A 343 -3.80 21.50 -8.73
C CYS A 343 -4.97 21.39 -7.76
N ILE A 344 -5.27 22.50 -7.09
CA ILE A 344 -6.30 22.59 -6.07
C ILE A 344 -7.51 23.27 -6.66
N ILE A 345 -8.66 22.60 -6.60
CA ILE A 345 -9.91 23.13 -7.15
C ILE A 345 -10.97 23.08 -6.07
N ASP A 346 -11.37 24.23 -5.56
CA ASP A 346 -12.50 24.32 -4.64
C ASP A 346 -13.80 24.27 -5.44
N ILE A 347 -14.63 23.25 -5.18
CA ILE A 347 -15.72 22.91 -6.12
C ILE A 347 -17.01 23.65 -5.79
N LEU A 348 -17.46 23.64 -4.53
CA LEU A 348 -18.81 24.10 -4.21
C LEU A 348 -18.90 25.62 -4.15
N THR A 349 -19.99 26.16 -4.71
CA THR A 349 -20.32 27.56 -4.50
C THR A 349 -21.19 27.77 -3.28
N GLU A 350 -21.78 26.70 -2.74
CA GLU A 350 -22.64 26.75 -1.57
C GLU A 350 -22.72 25.35 -0.98
N PRO A 351 -23.03 25.22 0.31
CA PRO A 351 -23.25 23.89 0.88
C PRO A 351 -24.43 23.20 0.21
N LYS A 352 -24.40 21.87 0.21
CA LYS A 352 -25.37 21.06 -0.49
C LYS A 352 -25.99 20.04 0.45
N ASP A 353 -27.32 20.03 0.49
CA ASP A 353 -28.03 19.01 1.24
C ASP A 353 -27.78 17.65 0.61
N ILE A 354 -27.49 16.65 1.43
CA ILE A 354 -27.26 15.31 0.93
C ILE A 354 -28.56 14.53 0.78
N GLY A 355 -29.37 14.46 1.83
CA GLY A 355 -30.60 13.68 1.73
C GLY A 355 -30.34 12.26 1.26
N LYS A 356 -31.23 11.78 0.37
CA LYS A 356 -31.13 10.43 -0.16
C LYS A 356 -29.99 10.30 -1.16
N ARG A 357 -29.69 11.37 -1.89
CA ARG A 357 -28.71 11.30 -2.95
C ARG A 357 -28.28 12.72 -3.29
N LEU A 358 -27.00 12.87 -3.57
CA LEU A 358 -26.44 14.14 -4.03
C LEU A 358 -25.46 13.85 -5.14
N GLU A 359 -25.58 14.60 -6.22
CA GLU A 359 -24.61 14.59 -7.29
C GLU A 359 -24.06 16.00 -7.46
N VAL A 360 -22.74 16.10 -7.54
CA VAL A 360 -22.04 17.36 -7.79
C VAL A 360 -21.20 17.17 -9.05
N ARG A 361 -21.50 17.96 -10.07
N ARG A 361 -21.47 18.00 -10.06
CA ARG A 361 -20.73 17.99 -11.31
CA ARG A 361 -20.75 17.97 -11.33
C ARG A 361 -19.91 19.27 -11.33
C ARG A 361 -19.98 19.28 -11.50
N LYS A 362 -18.72 19.18 -11.92
CA LYS A 362 -17.91 20.38 -12.10
C LYS A 362 -16.94 20.13 -13.23
N THR A 363 -16.87 21.06 -14.17
CA THR A 363 -15.91 20.99 -15.25
C THR A 363 -14.71 21.84 -14.87
N VAL A 364 -13.52 21.25 -14.92
CA VAL A 364 -12.31 21.89 -14.47
C VAL A 364 -11.30 21.95 -15.62
N THR A 365 -10.38 22.91 -15.54
CA THR A 365 -9.30 23.01 -16.51
C THR A 365 -7.99 22.40 -16.00
N ALA A 366 -7.99 21.93 -14.77
CA ALA A 366 -6.80 21.36 -14.12
C ALA A 366 -5.63 22.33 -14.16
N CYS A 367 -5.91 23.58 -13.79
CA CYS A 367 -4.87 24.59 -13.57
C CYS A 367 -4.18 24.97 -14.88
N LEU A 368 -4.97 24.99 -15.96
CA LEU A 368 -4.51 25.47 -17.25
C LEU A 368 -3.86 26.84 -17.12
N GLY A 369 -2.71 26.99 -17.77
CA GLY A 369 -2.00 28.25 -17.79
C GLY A 369 -1.10 28.47 -16.60
N GLU A 370 -1.10 27.57 -15.63
CA GLU A 370 -0.36 27.70 -14.38
C GLU A 370 0.78 26.69 -14.31
N PRO A 371 1.77 26.90 -13.45
CA PRO A 371 2.84 25.89 -13.30
C PRO A 371 2.36 24.58 -12.70
N ASN A 372 1.15 24.54 -12.14
CA ASN A 372 0.59 23.29 -11.65
C ASN A 372 -0.40 22.68 -12.63
N HIS A 373 -0.39 23.14 -13.87
CA HIS A 373 -1.20 22.52 -14.92
C HIS A 373 -0.86 21.03 -15.00
N ILE A 374 -1.88 20.18 -14.91
CA ILE A 374 -1.70 18.74 -14.97
C ILE A 374 -2.47 18.17 -16.15
N THR A 375 -1.74 17.55 -17.08
CA THR A 375 -2.35 16.76 -18.15
C THR A 375 -2.17 15.26 -17.94
N ARG A 376 -1.34 14.86 -16.97
CA ARG A 376 -1.06 13.46 -16.70
C ARG A 376 -1.26 13.24 -15.21
N LEU A 377 -2.41 12.68 -14.83
CA LEU A 377 -2.74 12.52 -13.42
C LEU A 377 -1.90 11.40 -12.79
N GLU A 378 -1.58 11.59 -11.51
CA GLU A 378 -1.11 10.49 -10.68
C GLU A 378 -2.26 10.21 -9.71
N HIS A 379 -2.14 10.61 -8.45
CA HIS A 379 -3.23 10.47 -7.48
C HIS A 379 -4.22 11.62 -7.66
N ALA A 380 -5.48 11.34 -7.33
CA ALA A 380 -6.49 12.37 -7.19
C ALA A 380 -7.18 12.17 -5.85
N GLN A 381 -7.54 13.27 -5.21
CA GLN A 381 -8.27 13.26 -3.96
C GLN A 381 -9.55 14.06 -4.09
N ALA A 382 -10.61 13.57 -3.46
CA ALA A 382 -11.78 14.39 -3.17
C ALA A 382 -11.76 14.62 -1.66
N ARG A 383 -11.39 15.83 -1.27
CA ARG A 383 -11.30 16.18 0.15
C ARG A 383 -12.66 16.72 0.57
N LEU A 384 -13.38 15.93 1.37
CA LEU A 384 -14.77 16.19 1.68
C LEU A 384 -14.98 16.56 3.14
N THR A 385 -15.78 17.58 3.35
CA THR A 385 -16.25 17.95 4.68
C THR A 385 -17.76 17.84 4.63
N LEU A 386 -18.31 16.97 5.47
CA LEU A 386 -19.75 16.74 5.45
C LEU A 386 -20.21 16.26 6.82
N SER A 387 -21.46 16.56 7.13
CA SER A 387 -22.19 16.01 8.26
C SER A 387 -23.19 14.99 7.75
N TYR A 388 -23.42 13.96 8.56
CA TYR A 388 -24.45 12.99 8.25
C TYR A 388 -24.81 12.29 9.54
N ASN A 389 -26.06 11.81 9.64
CA ASN A 389 -26.50 11.25 10.91
C ASN A 389 -25.98 9.82 11.14
N ARG A 390 -25.70 9.04 10.09
CA ARG A 390 -25.12 7.71 10.25
C ARG A 390 -24.13 7.49 9.12
N ARG A 391 -22.84 7.62 9.44
CA ARG A 391 -21.81 7.73 8.42
C ARG A 391 -21.78 6.50 7.50
N GLY A 392 -21.96 5.31 8.07
CA GLY A 392 -21.77 4.08 7.31
C GLY A 392 -22.88 3.77 6.34
N ASP A 393 -23.96 4.55 6.35
CA ASP A 393 -24.95 4.39 5.31
C ASP A 393 -24.55 5.09 4.02
N LEU A 394 -23.49 5.92 4.04
CA LEU A 394 -23.05 6.62 2.85
C LEU A 394 -22.20 5.73 1.95
N ALA A 395 -22.45 5.83 0.64
CA ALA A 395 -21.51 5.39 -0.39
C ALA A 395 -21.18 6.62 -1.23
N ILE A 396 -19.90 6.72 -1.63
CA ILE A 396 -19.39 7.90 -2.33
C ILE A 396 -18.57 7.41 -3.52
N HIS A 397 -18.87 7.98 -4.69
CA HIS A 397 -18.15 7.69 -5.92
C HIS A 397 -17.68 8.98 -6.56
N LEU A 398 -16.57 8.87 -7.29
CA LEU A 398 -15.98 9.97 -8.04
C LEU A 398 -15.70 9.48 -9.45
N VAL A 399 -16.23 10.18 -10.44
CA VAL A 399 -16.07 9.82 -11.85
C VAL A 399 -15.18 10.85 -12.52
N SER A 400 -14.14 10.39 -13.18
CA SER A 400 -13.19 11.27 -13.86
C SER A 400 -13.75 11.68 -15.22
N PRO A 401 -13.15 12.69 -15.84
CA PRO A 401 -13.58 13.07 -17.19
C PRO A 401 -13.50 11.93 -18.18
N MET A 402 -12.56 11.00 -17.98
N MET A 402 -12.57 11.01 -18.00
CA MET A 402 -12.42 9.87 -18.88
CA MET A 402 -12.45 9.88 -18.90
C MET A 402 -13.42 8.76 -18.58
C MET A 402 -13.33 8.72 -18.50
N GLY A 403 -14.29 8.95 -17.59
CA GLY A 403 -15.34 7.98 -17.32
C GLY A 403 -15.02 6.94 -16.25
N THR A 404 -13.90 7.09 -15.56
CA THR A 404 -13.45 6.09 -14.62
C THR A 404 -14.14 6.34 -13.29
N ARG A 405 -14.98 5.39 -12.90
N ARG A 405 -14.95 5.37 -12.85
CA ARG A 405 -15.72 5.46 -11.64
CA ARG A 405 -15.75 5.53 -11.64
C ARG A 405 -14.82 4.90 -10.55
C ARG A 405 -15.00 4.91 -10.47
N SER A 406 -14.45 5.77 -9.61
CA SER A 406 -13.76 5.35 -8.41
C SER A 406 -14.74 5.35 -7.23
N THR A 407 -14.81 4.23 -6.53
CA THR A 407 -15.49 4.19 -5.25
C THR A 407 -14.58 4.83 -4.20
N LEU A 408 -15.00 5.97 -3.66
CA LEU A 408 -14.27 6.59 -2.57
C LEU A 408 -14.65 6.02 -1.21
N LEU A 409 -15.88 5.54 -1.09
CA LEU A 409 -16.39 5.02 0.17
C LEU A 409 -17.51 4.05 -0.15
N ALA A 410 -17.40 2.83 0.36
CA ALA A 410 -18.52 1.91 0.29
C ALA A 410 -19.27 1.97 1.61
N ALA A 411 -20.53 1.55 1.58
CA ALA A 411 -21.30 1.46 2.82
C ALA A 411 -20.56 0.58 3.84
N ARG A 412 -20.55 1.05 5.08
CA ARG A 412 -19.92 0.34 6.20
C ARG A 412 -21.00 0.10 7.25
N PRO A 413 -21.57 -1.08 7.32
N PRO A 413 -21.61 -1.07 7.29
CA PRO A 413 -22.75 -1.29 8.17
CA PRO A 413 -22.76 -1.26 8.18
C PRO A 413 -22.48 -1.04 9.65
C PRO A 413 -22.48 -1.02 9.65
N HIS A 414 -21.26 -1.27 10.12
CA HIS A 414 -20.97 -1.06 11.55
C HIS A 414 -20.70 0.40 11.90
N ASP A 415 -20.53 1.27 10.92
CA ASP A 415 -20.13 2.64 11.19
C ASP A 415 -21.35 3.48 11.53
N TYR A 416 -21.66 3.56 12.82
CA TYR A 416 -22.80 4.31 13.34
C TYR A 416 -22.49 5.78 13.61
N SER A 417 -21.29 6.23 13.30
CA SER A 417 -20.86 7.55 13.73
C SER A 417 -21.75 8.64 13.16
N ALA A 418 -22.04 9.63 14.00
CA ALA A 418 -22.71 10.85 13.58
C ALA A 418 -21.73 11.99 13.38
N ASP A 419 -20.43 11.70 13.28
CA ASP A 419 -19.41 12.74 13.22
C ASP A 419 -18.98 13.10 11.80
N GLY A 420 -19.48 12.40 10.78
CA GLY A 420 -19.23 12.77 9.41
C GLY A 420 -17.76 12.67 9.03
N PHE A 421 -17.37 13.48 8.06
CA PHE A 421 -16.01 13.54 7.58
C PHE A 421 -15.53 14.99 7.66
N ASN A 422 -14.36 15.18 8.25
CA ASN A 422 -13.81 16.51 8.44
C ASN A 422 -12.59 16.67 7.54
N ASP A 423 -12.84 17.23 6.35
CA ASP A 423 -11.82 17.38 5.32
C ASP A 423 -11.04 16.08 5.12
N TRP A 424 -11.76 15.01 4.89
CA TRP A 424 -11.16 13.69 4.69
C TRP A 424 -10.78 13.55 3.21
N ALA A 425 -9.51 13.26 2.97
CA ALA A 425 -8.94 13.24 1.62
C ALA A 425 -9.03 11.87 0.95
N PHE A 426 -10.25 11.49 0.56
CA PHE A 426 -10.44 10.21 -0.16
C PHE A 426 -9.60 10.19 -1.43
N MET A 427 -8.81 9.13 -1.61
CA MET A 427 -7.85 9.11 -2.69
C MET A 427 -8.12 7.96 -3.65
N THR A 428 -7.92 8.24 -4.94
CA THR A 428 -7.99 7.19 -5.93
C THR A 428 -6.74 7.19 -6.80
N THR A 429 -6.30 5.98 -7.10
CA THR A 429 -5.22 5.71 -8.03
C THR A 429 -5.74 5.28 -9.39
N HIS A 430 -7.06 5.14 -9.54
CA HIS A 430 -7.62 4.48 -10.73
C HIS A 430 -7.59 5.35 -11.99
N SER A 431 -7.32 6.65 -11.85
CA SER A 431 -7.24 7.53 -13.02
C SER A 431 -5.80 7.91 -13.32
N TRP A 432 -4.84 7.15 -12.80
CA TRP A 432 -3.43 7.37 -13.09
C TRP A 432 -3.19 7.44 -14.60
N ASP A 433 -2.46 8.47 -15.02
CA ASP A 433 -2.05 8.78 -16.38
C ASP A 433 -3.20 9.35 -17.23
N GLU A 434 -4.42 9.44 -16.71
CA GLU A 434 -5.48 10.17 -17.42
C GLU A 434 -5.24 11.68 -17.42
N ASP A 435 -5.81 12.35 -18.43
CA ASP A 435 -5.90 13.81 -18.44
C ASP A 435 -7.09 14.22 -17.57
N PRO A 436 -6.89 14.98 -16.50
CA PRO A 436 -7.99 15.29 -15.58
C PRO A 436 -8.80 16.53 -15.94
N SER A 437 -8.53 17.14 -17.09
N SER A 437 -8.53 17.15 -17.08
CA SER A 437 -9.37 18.25 -17.54
CA SER A 437 -9.36 18.26 -17.51
C SER A 437 -10.73 17.73 -17.97
C SER A 437 -10.72 17.73 -17.96
N GLY A 438 -11.78 18.49 -17.67
CA GLY A 438 -13.11 18.07 -18.04
C GLY A 438 -14.03 17.91 -16.85
N GLU A 439 -15.12 17.16 -17.04
CA GLU A 439 -16.16 17.06 -16.01
C GLU A 439 -15.82 15.94 -15.03
N TRP A 440 -15.75 16.31 -13.76
CA TRP A 440 -15.71 15.36 -12.67
C TRP A 440 -17.10 15.30 -12.04
N VAL A 441 -17.49 14.11 -11.59
CA VAL A 441 -18.76 13.92 -10.91
C VAL A 441 -18.52 13.25 -9.56
N LEU A 442 -19.04 13.87 -8.51
CA LEU A 442 -19.08 13.31 -7.16
C LEU A 442 -20.51 12.86 -6.87
N GLU A 443 -20.66 11.61 -6.45
CA GLU A 443 -21.93 11.01 -6.08
C GLU A 443 -21.88 10.63 -4.61
N ILE A 444 -22.85 11.08 -3.84
CA ILE A 444 -23.01 10.67 -2.45
C ILE A 444 -24.41 10.11 -2.32
N GLU A 445 -24.51 8.86 -1.84
CA GLU A 445 -25.81 8.20 -1.77
C GLU A 445 -26.03 7.56 -0.39
N ASN A 446 -27.24 7.69 0.07
CA ASN A 446 -27.71 6.97 1.25
C ASN A 446 -28.10 5.58 0.82
N THR A 447 -27.32 4.56 1.22
CA THR A 447 -27.60 3.19 0.78
C THR A 447 -28.68 2.52 1.61
N SER A 448 -29.15 3.16 2.67
N SER A 448 -29.17 3.17 2.67
CA SER A 448 -30.17 2.60 3.53
CA SER A 448 -30.17 2.64 3.57
C SER A 448 -31.55 3.12 3.13
C SER A 448 -31.55 3.18 3.22
N GLU A 449 -32.57 2.48 3.68
CA GLU A 449 -33.95 2.94 3.51
C GLU A 449 -34.33 3.96 4.57
N ALA A 450 -33.45 4.23 5.52
CA ALA A 450 -33.75 5.22 6.55
C ALA A 450 -33.73 6.62 5.98
N ASN A 451 -34.47 7.51 6.63
CA ASN A 451 -34.50 8.92 6.25
C ASN A 451 -33.33 9.64 6.91
N ASN A 452 -32.16 9.36 6.38
CA ASN A 452 -30.94 9.98 6.85
C ASN A 452 -30.80 11.39 6.28
N TYR A 453 -29.89 12.17 6.86
CA TYR A 453 -29.82 13.59 6.55
C TYR A 453 -28.43 14.13 6.88
N GLY A 454 -28.05 15.16 6.13
CA GLY A 454 -26.80 15.86 6.37
C GLY A 454 -26.51 16.80 5.22
N THR A 455 -25.32 17.38 5.28
CA THR A 455 -24.89 18.46 4.39
C THR A 455 -23.42 18.30 4.01
N LEU A 456 -23.14 18.45 2.71
CA LEU A 456 -21.78 18.57 2.20
C LEU A 456 -21.42 20.05 2.20
N THR A 457 -20.41 20.43 3.00
CA THR A 457 -20.02 21.83 3.10
C THR A 457 -18.75 22.15 2.35
N LYS A 458 -17.92 21.15 1.99
CA LYS A 458 -16.71 21.46 1.26
C LYS A 458 -16.32 20.25 0.44
N PHE A 459 -15.96 20.51 -0.80
CA PHE A 459 -15.46 19.50 -1.72
C PHE A 459 -14.28 20.15 -2.42
N THR A 460 -13.06 19.75 -2.05
CA THR A 460 -11.85 20.16 -2.75
C THR A 460 -11.38 18.99 -3.61
N LEU A 461 -11.30 19.22 -4.90
CA LEU A 461 -10.67 18.26 -5.80
C LEU A 461 -9.20 18.62 -5.87
N VAL A 462 -8.34 17.67 -5.51
CA VAL A 462 -6.91 17.89 -5.49
C VAL A 462 -6.31 16.91 -6.48
N LEU A 463 -5.69 17.44 -7.51
CA LEU A 463 -5.05 16.64 -8.55
C LEU A 463 -3.53 16.71 -8.38
N TYR A 464 -2.86 15.57 -8.45
CA TYR A 464 -1.41 15.48 -8.49
C TYR A 464 -0.99 14.90 -9.83
N GLY A 465 0.16 15.34 -10.32
CA GLY A 465 0.68 14.75 -11.56
C GLY A 465 1.66 15.69 -12.25
N THR A 466 1.73 15.53 -13.57
CA THR A 466 2.70 16.24 -14.39
C THR A 466 2.02 16.70 -15.68
N ALA A 467 2.82 17.30 -16.56
CA ALA A 467 2.30 17.74 -17.85
C ALA A 467 3.19 17.26 -18.99
N SER A 468 3.89 16.16 -18.82
CA SER A 468 4.74 15.65 -19.90
C SER A 468 5.01 14.17 -19.70
N GLY A 469 5.31 13.50 -20.81
CA GLY A 469 5.90 12.17 -20.76
C GLY A 469 4.94 11.00 -20.84
N SER A 470 3.80 11.15 -21.49
CA SER A 470 2.80 10.08 -21.49
C SER A 470 3.13 9.01 -22.53
N LEU A 471 2.77 7.78 -22.19
CA LEU A 471 2.82 6.64 -23.09
C LEU A 471 1.52 6.55 -23.89
N VAL A 472 1.57 5.84 -25.00
CA VAL A 472 0.34 5.55 -25.76
C VAL A 472 -0.53 4.61 -24.93
N PRO A 473 -1.84 4.89 -24.77
CA PRO A 473 -2.73 4.04 -23.96
C PRO A 473 -2.63 2.54 -24.29
C4 A1JA3 B . 2.26 0.78 11.88
C4 A1JA3 B . 2.26 0.81 11.79
C6 A1JA3 B . 1.08 0.90 12.59
C6 A1JA3 B . 1.09 0.92 12.51
C7 A1JA3 B . 0.61 2.17 12.94
C7 A1JA3 B . 0.62 2.17 12.88
C8 A1JA3 B . -0.61 2.32 13.75
C8 A1JA3 B . -0.57 2.31 13.73
C10 A1JA3 B . -2.05 1.61 15.58
C10 A1JA3 B . -1.90 1.57 15.64
N12 A1JA3 B . -1.75 -0.71 16.56
N12 A1JA3 B . -2.65 -0.68 16.55
C13 A1JA3 B . -2.00 -1.54 17.76
C13 A1JA3 B . -2.42 -1.63 17.68
C17 A1JA3 B . -1.64 -5.57 15.24
C17 A1JA3 B . -1.66 -5.52 15.30
C20 A1JA3 B . -0.70 -6.92 17.38
C20 A1JA3 B . -0.79 -6.73 17.55
C21 A1JA3 B . -0.72 -5.54 17.43
C21 A1JA3 B . -0.81 -5.35 17.51
C22 A1JA3 B . -2.45 -2.89 15.59
C22 A1JA3 B . -2.29 -2.78 15.31
C24 A1JA3 B . -2.87 2.72 15.35
C24 A1JA3 B . -2.76 2.64 15.44
C26 A1JA3 B . -3.42 4.85 14.16
C26 A1JA3 B . -3.43 4.75 14.27
C28 A1JA3 B . -2.89 5.83 16.39
C28 A1JA3 B . -2.88 5.80 16.45
C11 A1JA3 B . -2.34 0.67 16.72
C11 A1JA3 B . -2.05 0.67 16.84
C14 A1JA3 B . -1.14 -2.80 17.66
C14 A1JA3 B . -1.16 -2.45 17.43
C16 A1JA3 B . -1.21 -4.84 16.33
C16 A1JA3 B . -1.26 -4.72 16.36
C18 A1JA3 B . -1.57 -6.95 15.30
C18 A1JA3 B . -1.59 -6.88 15.42
C2 A1JA3 B . 2.53 3.13 11.87
C2 A1JA3 B . 2.51 3.16 11.78
C23 A1JA3 B . -2.27 -1.40 15.33
C23 A1JA3 B . -2.17 -1.27 15.26
C25 A1JA3 B . -2.57 3.63 14.36
C25 A1JA3 B . -2.54 3.56 14.42
C29 A1JA3 B . -2.37 7.07 17.11
C29 A1JA3 B . -2.36 7.06 17.14
C3 A1JA3 B . 3.00 1.89 11.51
C3 A1JA3 B . 2.99 1.92 11.41
C30 A1JA3 B . -3.26 8.26 16.80
C30 A1JA3 B . -3.25 8.25 16.79
C31 A1JA3 B . -2.81 9.51 17.53
C31 A1JA3 B . -2.80 9.51 17.50
C33 A1JA3 B . -3.46 11.86 17.77
C33 A1JA3 B . -3.47 11.84 17.75
C34 A1JA3 B . -4.53 12.88 17.54
C34 A1JA3 B . -4.54 12.86 17.53
C36 A1JA3 B . -3.27 8.49 15.29
C36 A1JA3 B . -3.25 8.44 15.28
C37 A1JA3 B . -3.78 7.25 14.58
C37 A1JA3 B . -3.75 7.17 14.60
C38 A1JA3 B . -1.45 3.42 13.56
C38 A1JA3 B . -1.46 3.38 13.57
C39 A1JA3 B . 1.36 3.28 12.58
C39 A1JA3 B . 1.34 3.31 12.49
C9 A1JA3 B . -0.94 1.42 14.76
C9 A1JA3 B . -0.82 1.41 14.78
N15 A1JA3 B . -1.34 -3.44 16.36
N15 A1JA3 B . -1.35 -3.34 16.27
N19 A1JA3 B . -1.11 -7.63 16.34
N19 A1JA3 B . -1.16 -7.50 16.52
N27 A1JA3 B . -2.93 6.06 14.91
N27 A1JA3 B . -2.91 5.98 14.97
N32 A1JA3 B . -3.74 10.62 17.37
N32 A1JA3 B . -3.74 10.60 17.34
O35 A1JA3 B . -2.38 12.14 18.28
O35 A1JA3 B . -2.39 12.13 18.27
CL1 A1JA3 B . 3.45 4.54 11.45
CL1 A1JA3 B . 3.39 4.59 11.30
CL5 A1JA3 B . 2.83 -0.81 11.46
CL5 A1JA3 B . 2.83 -0.77 11.34
H6 A1JA3 B . 0.58 0.09 12.83
H6 A1JA3 B . 0.61 0.10 12.75
H13A A1JA3 B . -1.76 -1.03 18.56
H13A A1JA3 B . -2.32 -1.12 18.51
H13B A1JA3 B . -2.94 -1.78 17.80
H13B A1JA3 B . -3.19 -2.23 17.76
H17 A1JA3 B . -1.99 -5.16 14.43
H17 A1JA3 B . -1.98 -5.13 14.45
H20 A1JA3 B . -0.36 -7.44 18.14
H20 A1JA3 B . -0.48 -7.21 18.34
H21 A1JA3 B . -0.39 -5.09 18.24
H21 A1JA3 B . -0.52 -4.87 18.31
H22A A1JA3 B . -3.29 -3.04 16.07
H22A A1JA3 B . -3.21 -3.02 15.57
H22B A1JA3 B . -2.53 -3.36 14.74
H22B A1JA3 B . -2.13 -3.15 14.42
H24 A1JA3 B . -3.65 2.86 15.92
H24 A1JA3 B . -3.52 2.76 16.04
H26A A1JA3 B . -4.34 4.65 14.46
H26A A1JA3 B . -4.32 4.55 14.63
H26B A1JA3 B . -3.47 5.06 13.21
H26B A1JA3 B . -3.55 4.96 13.32
H28A A1JA3 B . -3.80 5.61 16.66
H28A A1JA3 B . -3.80 5.60 16.73
H28B A1JA3 B . -2.31 5.05 16.54
H28B A1JA3 B . -2.31 5.03 16.63
H11A A1JA3 B . -1.98 1.02 17.56
H11A A1JA3 B . -1.18 0.51 17.26
H11B A1JA3 B . -3.30 0.56 16.84
H11B A1JA3 B . -2.63 1.09 17.51
H14B A1JA3 B . -0.21 -2.55 17.78
H14B A1JA3 B . -0.41 -1.85 17.27
H14A A1JA3 B . -1.39 -3.40 18.38
H14A A1JA3 B . -0.94 -2.98 18.23
H18 A1JA3 B . -1.87 -7.50 14.54
H18 A1JA3 B . -1.86 -7.47 14.69
H23B A1JA3 B . -3.12 -0.97 15.11
H23B A1JA3 B . -2.72 -0.88 14.54
H23A A1JA3 B . -1.62 -1.23 14.62
H23A A1JA3 B . -1.24 -0.99 15.15
H29A A1JA3 B . -1.45 7.26 16.85
H29A A1JA3 B . -1.44 7.25 16.86
H29B A1JA3 B . -2.36 6.92 18.07
H29B A1JA3 B . -2.33 6.94 18.10
H3 A1JA3 B . 3.84 1.78 11.01
H3 A1JA3 B . 3.82 1.83 10.90
H30 A1JA3 B . -4.18 8.05 17.07
H30 A1JA3 B . -4.17 8.04 17.06
H31B A1JA3 B . -1.93 9.81 17.21
H31B A1JA3 B . -1.93 9.81 17.15
H31A A1JA3 B . -2.72 9.32 18.49
H31A A1JA3 B . -2.70 9.34 18.46
H34A A1JA3 B . -5.36 12.57 17.96
H34A A1JA3 B . -5.41 12.47 17.77
H34C A1JA3 B . -4.66 13.01 16.59
H34C A1JA3 B . -4.55 13.13 16.59
H34B A1JA3 B . -4.25 13.73 17.96
H34B A1JA3 B . -4.37 13.64 18.11
H36B A1JA3 B . -2.36 8.70 14.98
H36B A1JA3 B . -2.34 8.65 14.97
H36A A1JA3 B . -3.82 9.26 15.06
H36A A1JA3 B . -3.81 9.19 15.03
H37A A1JA3 B . -4.70 7.05 14.88
H37A A1JA3 B . -4.67 6.98 14.88
H37B A1JA3 B . -3.78 7.38 13.62
H37B A1JA3 B . -3.72 7.28 13.63
H38 A1JA3 B . -1.22 4.06 12.85
H38 A1JA3 B . -1.29 4.01 12.85
H39 A1JA3 B . 1.05 4.19 12.80
H39 A1JA3 B . 1.04 4.21 12.73
H9 A1JA3 B . -0.36 0.65 14.90
H9 A1JA3 B . -0.20 0.66 14.89
H32 A1JA3 B . -4.53 10.46 17.01
H32 A1JA3 B . -4.52 10.44 16.96
HN12 A1JA3 B . -0.88 -0.68 16.43
HN27 A1JA3 B . -2.10 6.23 14.65
HN12 A1JA3 B . -3.52 -0.63 16.44
HN27 A1JA3 B . -2.08 6.14 14.71
CA CA C . 14.66 -3.12 23.21
CA CA D . 16.95 -19.75 4.26
CA CA E . -9.21 -0.93 7.48
NA NA F . -1.22 4.59 -0.26
NA NA G . -10.84 16.23 -20.58
NA NA H . -13.63 3.10 -18.97
NA NA I . -5.20 -2.36 9.16
CL CL J . 0.76 18.14 -0.89
S DMS K . -13.51 11.89 10.23
O DMS K . -13.04 12.84 9.18
C1 DMS K . -12.07 11.48 11.24
C2 DMS K . -14.46 12.83 11.47
H11 DMS K . -12.36 10.85 12.05
H12 DMS K . -11.63 12.36 11.62
H13 DMS K . -11.35 10.96 10.65
H21 DMS K . -14.80 12.17 12.24
H22 DMS K . -15.31 13.27 11.01
H23 DMS K . -13.85 13.58 11.89
S DMS L . 6.06 15.85 -3.27
O DMS L . 5.17 15.88 -2.08
C1 DMS L . 6.49 17.53 -3.77
C2 DMS L . 7.75 15.39 -2.81
H11 DMS L . 7.33 17.50 -4.40
H12 DMS L . 6.71 18.10 -2.90
H13 DMS L . 5.67 17.96 -4.27
H21 DMS L . 8.39 15.43 -3.65
H22 DMS L . 7.76 14.40 -2.40
H23 DMS L . 8.11 16.06 -2.07
S DMS M . -5.92 -11.81 9.77
O DMS M . -6.52 -10.56 10.31
C1 DMS M . -6.27 -11.88 7.99
C2 DMS M . -4.12 -11.60 9.62
H11 DMS M . -5.87 -12.78 7.60
H12 DMS M . -5.81 -11.05 7.51
H13 DMS M . -7.31 -11.85 7.84
H21 DMS M . -3.71 -12.46 9.15
H22 DMS M . -3.71 -11.51 10.60
H23 DMS M . -3.90 -10.74 9.06
S DMS N . 13.99 -16.48 25.26
O DMS N . 13.99 -16.54 23.76
C1 DMS N . 14.33 -14.79 25.83
C2 DMS N . 12.31 -16.72 25.91
H11 DMS N . 14.27 -14.75 26.88
H12 DMS N . 13.62 -14.12 25.41
H13 DMS N . 15.31 -14.49 25.52
H21 DMS N . 12.31 -16.55 26.95
H22 DMS N . 11.99 -17.71 25.72
H23 DMS N . 11.65 -16.04 25.44
S DMS O . 11.82 -6.43 26.38
O DMS O . 13.26 -6.78 26.59
C1 DMS O . 11.41 -6.62 24.63
C2 DMS O . 10.76 -7.63 27.22
H11 DMS O . 10.39 -6.41 24.47
H12 DMS O . 11.63 -7.61 24.32
H13 DMS O . 12.01 -5.94 24.06
H21 DMS O . 9.75 -7.32 27.18
H22 DMS O . 11.06 -7.72 28.24
H23 DMS O . 10.85 -8.58 26.75
S DMS P . -15.85 -8.28 -5.64
S DMS P . -15.67 -9.86 -5.55
O DMS P . -15.58 -9.12 -6.85
O DMS P . -15.82 -10.28 -6.97
C1 DMS P . -17.45 -8.75 -4.91
C1 DMS P . -15.05 -8.15 -5.45
C2 DMS P . -14.83 -8.91 -4.28
C2 DMS P . -17.35 -9.60 -4.93
H11 DMS P . -17.55 -8.29 -3.96
H11 DMS P . -15.07 -7.83 -4.45
H12 DMS P . -17.49 -9.81 -4.81
H12 DMS P . -15.67 -7.53 -6.04
H13 DMS P . -18.24 -8.43 -5.55
H13 DMS P . -14.07 -8.12 -5.82
H21 DMS P . -14.92 -8.26 -3.45
H21 DMS P . -17.32 -9.24 -3.94
H22 DMS P . -13.82 -8.94 -4.60
H22 DMS P . -17.88 -10.52 -4.96
H23 DMS P . -15.15 -9.88 -4.01
H23 DMS P . -17.84 -8.89 -5.55
C1 NAG Q . 19.17 10.65 -11.03
C2 NAG Q . 20.48 10.91 -11.80
C3 NAG Q . 20.72 12.41 -11.94
C4 NAG Q . 19.50 13.11 -12.52
C5 NAG Q . 18.25 12.76 -11.72
C6 NAG Q . 16.98 13.31 -12.33
C7 NAG Q . 22.12 9.08 -11.49
C8 NAG Q . 23.28 8.59 -10.68
N2 NAG Q . 21.60 10.27 -11.14
O3 NAG Q . 21.84 12.63 -12.80
O4 NAG Q . 19.70 14.52 -12.50
O5 NAG Q . 18.10 11.33 -11.67
O6 NAG Q . 16.84 12.91 -13.68
O7 NAG Q . 21.65 8.44 -12.43
H1 NAG Q . 19.27 10.98 -10.12
H2 NAG Q . 20.38 10.53 -12.70
H3 NAG Q . 20.91 12.77 -11.05
H4 NAG Q . 19.37 12.82 -13.44
H5 NAG Q . 18.35 13.09 -10.81
H61 NAG Q . 17.02 14.28 -12.29
H62 NAG Q . 16.22 12.99 -11.81
H81 NAG Q . 23.60 7.75 -11.04
H82 NAG Q . 22.99 8.47 -9.75
H83 NAG Q . 24.00 9.26 -10.71
HN2 NAG Q . 21.99 10.71 -10.43
HO3 NAG Q . 21.90 13.50 -12.99
HO4 NAG Q . 19.43 14.87 -13.27
HO6 NAG Q . 16.15 13.33 -14.04
#